data_1YLN
#
_entry.id   1YLN
#
_cell.length_a   56.429
_cell.length_b   56.429
_cell.length_c   171.128
_cell.angle_alpha   90.00
_cell.angle_beta   90.00
_cell.angle_gamma   120.00
#
_symmetry.space_group_name_H-M   'P 31 2 1'
#
loop_
_entity.id
_entity.type
_entity.pdbx_description
1 polymer 'hypothetical protein vca0042'
2 water water
#
_entity_poly.entity_id   1
_entity_poly.type   'polypeptide(L)'
_entity_poly.pdbx_seq_one_letter_code
;MNSRPAEKIDNNDGQTETPRSKTVSTINSTDALAMVEH(OSE)SELTLSITTPVGTKFVCRTPFIGTHTDKFLLVEMPKI
SADDLQYFFQEGFWMNIRAISPRGEGALIHFRSQLMHILQEPVPMAFLSIPNTMQVSQLRKEPRFELNLAGKVLFDEHRG
DCELRDLSRSGCRFITPPLGKTYQVGDLVALEIFSDLRGTKTFPPLTGKICNLQRSLHHARYGLEFNEEGRNNAKNLLAQ
LKFNGTKLTLNAEKKA
;
_entity_poly.pdbx_strand_id   A
#
# COMPACT_ATOMS: atom_id res chain seq x y z
N THR A 23 13.52 -12.37 0.94
CA THR A 23 12.98 -11.23 0.11
C THR A 23 11.80 -11.72 -0.76
N VAL A 24 11.75 -11.25 -2.00
CA VAL A 24 10.71 -11.63 -2.95
C VAL A 24 11.09 -12.98 -3.59
N SER A 25 10.09 -13.81 -3.92
CA SER A 25 10.40 -15.08 -4.55
C SER A 25 9.86 -15.17 -5.97
N THR A 26 10.66 -15.76 -6.85
CA THR A 26 10.27 -15.94 -8.24
C THR A 26 9.96 -17.41 -8.47
N ILE A 27 8.70 -17.72 -8.75
CA ILE A 27 8.33 -19.10 -8.97
C ILE A 27 7.49 -19.30 -10.22
N ASN A 28 7.36 -20.56 -10.62
CA ASN A 28 6.59 -20.95 -11.78
C ASN A 28 5.17 -20.39 -11.69
N SER A 29 4.65 -19.90 -12.82
CA SER A 29 3.32 -19.31 -12.87
C SER A 29 2.20 -20.23 -12.45
N THR A 30 2.32 -21.51 -12.75
CA THR A 30 1.29 -22.46 -12.35
C THR A 30 1.14 -22.44 -10.84
N ASP A 31 2.25 -22.44 -10.12
CA ASP A 31 2.22 -22.41 -8.66
C ASP A 31 1.81 -21.05 -8.14
N ALA A 32 2.26 -19.99 -8.81
CA ALA A 32 1.91 -18.65 -8.37
C ALA A 32 0.40 -18.43 -8.50
N LEU A 33 -0.17 -18.81 -9.64
CA LEU A 33 -1.60 -18.63 -9.85
C LEU A 33 -2.46 -19.51 -8.95
N ALA A 34 -1.92 -20.65 -8.52
CA ALA A 34 -2.65 -21.54 -7.62
C ALA A 34 -2.91 -20.79 -6.31
N MET A 35 -2.07 -19.80 -6.02
CA MET A 35 -2.19 -18.99 -4.79
C MET A 35 -3.32 -17.97 -4.90
N VAL A 36 -3.79 -17.71 -6.11
CA VAL A 36 -4.84 -16.74 -6.34
C VAL A 36 -6.22 -17.40 -6.43
N GLU A 37 -7.22 -16.79 -5.81
CA GLU A 37 -8.56 -17.34 -5.83
C GLU A 37 -9.34 -16.84 -7.03
N HIS A 38 -9.99 -17.75 -7.75
CA HIS A 38 -10.75 -17.34 -8.91
C HIS A 38 -11.76 -16.28 -8.52
N OSE A 39 -12.11 -15.41 -9.47
CA OSE A 39 -13.07 -14.34 -9.25
CB OSE A 39 -14.32 -14.86 -8.57
OG OSE A 39 -14.91 -15.89 -9.34
C OSE A 39 -12.50 -13.18 -8.46
O OSE A 39 -13.15 -12.13 -8.35
S OSE A 39 -15.27 -15.55 -10.77
O1S OSE A 39 -14.82 -16.53 -11.92
O2S OSE A 39 -16.88 -15.55 -10.88
O3S OSE A 39 -15.17 -14.40 -11.64
N SER A 40 -11.30 -13.35 -7.91
CA SER A 40 -10.68 -12.26 -7.16
C SER A 40 -10.31 -11.16 -8.16
N GLU A 41 -10.10 -9.96 -7.65
CA GLU A 41 -9.78 -8.82 -8.50
C GLU A 41 -8.32 -8.64 -8.91
N LEU A 42 -8.11 -8.35 -10.19
CA LEU A 42 -6.78 -8.10 -10.73
C LEU A 42 -6.66 -6.63 -11.06
N THR A 43 -5.45 -6.08 -10.92
CA THR A 43 -5.22 -4.69 -11.24
C THR A 43 -4.31 -4.70 -12.48
N LEU A 44 -4.74 -3.98 -13.51
CA LEU A 44 -4.02 -3.90 -14.78
C LEU A 44 -3.44 -2.51 -15.02
N SER A 45 -2.11 -2.45 -15.13
CA SER A 45 -1.41 -1.20 -15.42
C SER A 45 -1.01 -1.35 -16.87
N ILE A 46 -1.76 -0.70 -17.75
CA ILE A 46 -1.53 -0.80 -19.18
C ILE A 46 -0.69 0.32 -19.78
N THR A 47 0.14 -0.07 -20.75
CA THR A 47 0.98 0.87 -21.49
C THR A 47 0.73 0.54 -22.95
N THR A 48 0.09 1.47 -23.66
CA THR A 48 -0.22 1.24 -25.06
C THR A 48 1.03 1.34 -25.93
N PRO A 49 0.94 0.86 -27.18
CA PRO A 49 2.08 0.91 -28.10
C PRO A 49 2.62 2.32 -28.33
N VAL A 50 1.78 3.35 -28.12
CA VAL A 50 2.24 4.72 -28.31
C VAL A 50 2.68 5.33 -26.98
N GLY A 51 2.79 4.48 -25.97
CA GLY A 51 3.26 4.95 -24.68
C GLY A 51 2.30 5.52 -23.67
N THR A 52 1.03 5.67 -24.04
CA THR A 52 0.06 6.20 -23.10
C THR A 52 -0.25 5.15 -22.03
N LYS A 53 -0.64 5.61 -20.85
CA LYS A 53 -0.91 4.70 -19.73
C LYS A 53 -2.33 4.73 -19.22
N PHE A 54 -2.78 3.58 -18.72
CA PHE A 54 -4.13 3.45 -18.17
C PHE A 54 -4.17 2.35 -17.13
N VAL A 55 -5.00 2.54 -16.11
CA VAL A 55 -5.12 1.57 -15.05
C VAL A 55 -6.58 1.23 -14.80
N CYS A 56 -6.86 -0.06 -14.73
CA CYS A 56 -8.22 -0.53 -14.46
C CYS A 56 -8.13 -1.83 -13.67
N ARG A 57 -9.28 -2.33 -13.25
CA ARG A 57 -9.34 -3.54 -12.48
C ARG A 57 -10.43 -4.41 -13.07
N THR A 58 -10.26 -5.72 -12.96
CA THR A 58 -11.25 -6.64 -13.49
C THR A 58 -11.09 -7.99 -12.81
N PRO A 59 -12.18 -8.76 -12.70
CA PRO A 59 -12.10 -10.07 -12.06
C PRO A 59 -11.32 -11.12 -12.85
N PHE A 60 -10.63 -11.98 -12.11
CA PHE A 60 -9.85 -13.09 -12.65
C PHE A 60 -10.83 -14.26 -12.84
N ILE A 61 -10.91 -14.80 -14.06
CA ILE A 61 -11.79 -15.94 -14.31
C ILE A 61 -11.08 -17.20 -13.83
N GLY A 62 -9.98 -17.51 -14.50
CA GLY A 62 -9.18 -18.68 -14.19
C GLY A 62 -8.17 -18.77 -15.32
N THR A 63 -7.54 -19.92 -15.50
CA THR A 63 -6.58 -20.07 -16.58
C THR A 63 -6.92 -21.30 -17.39
N HIS A 64 -6.51 -21.34 -18.65
CA HIS A 64 -6.77 -22.51 -19.45
C HIS A 64 -5.42 -23.22 -19.53
N THR A 65 -5.36 -24.44 -19.00
CA THR A 65 -4.09 -25.19 -18.97
C THR A 65 -2.98 -24.19 -18.60
N ASP A 66 -2.02 -24.00 -19.49
CA ASP A 66 -0.94 -23.06 -19.24
C ASP A 66 -0.90 -22.09 -20.42
N LYS A 67 -1.95 -22.15 -21.24
CA LYS A 67 -2.06 -21.33 -22.43
C LYS A 67 -2.52 -19.89 -22.24
N PHE A 68 -3.56 -19.69 -21.44
CA PHE A 68 -4.10 -18.36 -21.24
C PHE A 68 -4.59 -18.04 -19.86
N LEU A 69 -4.63 -16.75 -19.58
CA LEU A 69 -5.13 -16.23 -18.33
C LEU A 69 -6.44 -15.55 -18.73
N LEU A 70 -7.57 -16.08 -18.28
CA LEU A 70 -8.86 -15.53 -18.63
C LEU A 70 -9.38 -14.51 -17.63
N VAL A 71 -9.84 -13.38 -18.14
CA VAL A 71 -10.38 -12.31 -17.30
C VAL A 71 -11.66 -11.73 -17.90
N GLU A 72 -12.44 -11.08 -17.06
CA GLU A 72 -13.68 -10.47 -17.50
C GLU A 72 -13.34 -9.12 -18.11
N MET A 73 -14.16 -8.63 -19.04
CA MET A 73 -13.90 -7.33 -19.65
C MET A 73 -14.01 -6.25 -18.58
N PRO A 74 -13.02 -5.34 -18.51
CA PRO A 74 -13.07 -4.27 -17.51
C PRO A 74 -14.31 -3.40 -17.65
N LYS A 75 -14.87 -2.98 -16.51
CA LYS A 75 -16.05 -2.13 -16.55
C LYS A 75 -15.66 -0.68 -16.72
N ILE A 76 -15.23 -0.35 -17.93
CA ILE A 76 -14.83 1.02 -18.25
C ILE A 76 -15.60 1.47 -19.50
N SER A 77 -15.51 2.76 -19.82
CA SER A 77 -16.21 3.28 -20.99
C SER A 77 -15.74 2.64 -22.29
N ALA A 78 -16.61 2.64 -23.29
CA ALA A 78 -16.27 2.08 -24.60
C ALA A 78 -14.99 2.72 -25.10
N ASP A 79 -14.86 4.04 -24.92
CA ASP A 79 -13.67 4.72 -25.38
C ASP A 79 -12.41 4.21 -24.71
N ASP A 80 -12.43 4.03 -23.40
CA ASP A 80 -11.25 3.53 -22.70
C ASP A 80 -10.88 2.12 -23.20
N LEU A 81 -11.88 1.30 -23.47
CA LEU A 81 -11.63 -0.04 -23.99
C LEU A 81 -10.96 0.08 -25.35
N GLN A 82 -11.44 1.02 -26.15
CA GLN A 82 -10.90 1.25 -27.48
C GLN A 82 -9.45 1.71 -27.44
N TYR A 83 -9.14 2.61 -26.52
CA TYR A 83 -7.80 3.14 -26.41
C TYR A 83 -6.82 2.31 -25.60
N PHE A 84 -7.30 1.59 -24.60
CA PHE A 84 -6.40 0.85 -23.74
C PHE A 84 -6.55 -0.65 -23.62
N PHE A 85 -7.56 -1.23 -24.27
CA PHE A 85 -7.76 -2.65 -24.15
C PHE A 85 -7.91 -3.32 -25.51
N GLN A 86 -6.82 -3.33 -26.28
CA GLN A 86 -6.80 -3.92 -27.61
C GLN A 86 -5.86 -5.11 -27.62
N GLU A 87 -6.13 -6.08 -28.48
CA GLU A 87 -5.26 -7.24 -28.56
C GLU A 87 -3.83 -6.75 -28.90
N GLY A 88 -2.83 -7.41 -28.32
CA GLY A 88 -1.45 -7.04 -28.57
C GLY A 88 -0.86 -6.11 -27.53
N PHE A 89 -1.71 -5.37 -26.82
CA PHE A 89 -1.26 -4.43 -25.79
C PHE A 89 -0.66 -5.14 -24.59
N TRP A 90 0.43 -4.59 -24.07
CA TRP A 90 1.12 -5.13 -22.90
C TRP A 90 0.66 -4.47 -21.62
N MET A 91 0.72 -5.22 -20.53
CA MET A 91 0.31 -4.70 -19.24
C MET A 91 1.01 -5.40 -18.10
N ASN A 92 1.13 -4.68 -16.99
CA ASN A 92 1.71 -5.27 -15.79
C ASN A 92 0.50 -5.56 -14.92
N ILE A 93 0.40 -6.81 -14.48
CA ILE A 93 -0.73 -7.23 -13.66
C ILE A 93 -0.35 -7.50 -12.21
N ARG A 94 -1.26 -7.15 -11.31
CA ARG A 94 -1.01 -7.41 -9.91
C ARG A 94 -2.19 -8.18 -9.35
N ALA A 95 -1.92 -9.39 -8.87
CA ALA A 95 -2.95 -10.24 -8.30
C ALA A 95 -2.72 -10.35 -6.81
N ILE A 96 -3.77 -10.73 -6.08
CA ILE A 96 -3.68 -10.88 -4.63
C ILE A 96 -3.85 -12.34 -4.22
N SER A 97 -3.25 -12.69 -3.10
CA SER A 97 -3.34 -14.03 -2.56
C SER A 97 -3.60 -13.92 -1.06
N PRO A 98 -4.50 -14.76 -0.54
CA PRO A 98 -4.86 -14.76 0.88
C PRO A 98 -3.88 -15.59 1.73
N ARG A 99 -2.96 -16.30 1.07
CA ARG A 99 -1.99 -17.14 1.75
C ARG A 99 -1.12 -16.37 2.75
N GLY A 100 -1.14 -16.81 4.00
CA GLY A 100 -0.37 -16.18 5.05
C GLY A 100 -1.01 -14.86 5.46
N GLU A 101 -0.19 -13.82 5.59
CA GLU A 101 -0.72 -12.51 5.94
C GLU A 101 -1.08 -11.81 4.64
N GLY A 102 -1.03 -12.59 3.55
CA GLY A 102 -1.31 -12.07 2.23
C GLY A 102 -0.05 -12.09 1.39
N ALA A 103 -0.21 -11.91 0.08
CA ALA A 103 0.93 -11.87 -0.82
C ALA A 103 0.49 -11.18 -2.09
N LEU A 104 1.45 -10.58 -2.79
CA LEU A 104 1.14 -9.91 -4.05
C LEU A 104 1.88 -10.63 -5.14
N ILE A 105 1.18 -10.90 -6.25
CA ILE A 105 1.82 -11.57 -7.36
C ILE A 105 1.92 -10.56 -8.48
N HIS A 106 3.14 -10.31 -8.95
CA HIS A 106 3.37 -9.37 -10.03
C HIS A 106 3.93 -10.05 -11.26
N PHE A 107 3.45 -9.65 -12.43
CA PHE A 107 3.94 -10.21 -13.68
C PHE A 107 3.48 -9.35 -14.86
N ARG A 108 4.08 -9.56 -16.01
CA ARG A 108 3.76 -8.80 -17.20
C ARG A 108 3.00 -9.72 -18.13
N SER A 109 1.95 -9.20 -18.75
CA SER A 109 1.13 -10.00 -19.63
C SER A 109 0.68 -9.23 -20.86
N GLN A 110 0.49 -9.95 -21.96
CA GLN A 110 0.03 -9.34 -23.19
C GLN A 110 -1.40 -9.82 -23.48
N LEU A 111 -2.23 -8.88 -23.93
CA LEU A 111 -3.62 -9.18 -24.26
C LEU A 111 -3.61 -9.96 -25.58
N MET A 112 -3.87 -11.25 -25.52
CA MET A 112 -3.82 -12.09 -26.72
C MET A 112 -5.10 -12.14 -27.57
N HIS A 113 -6.25 -12.31 -26.93
CA HIS A 113 -7.51 -12.37 -27.67
C HIS A 113 -8.66 -11.79 -26.88
N ILE A 114 -9.63 -11.21 -27.58
CA ILE A 114 -10.82 -10.67 -26.94
C ILE A 114 -12.02 -11.36 -27.59
N LEU A 115 -13.00 -11.76 -26.78
CA LEU A 115 -14.19 -12.41 -27.30
C LEU A 115 -15.45 -11.67 -26.86
N GLN A 116 -16.46 -11.69 -27.71
CA GLN A 116 -17.71 -11.03 -27.40
C GLN A 116 -18.79 -12.09 -27.20
N GLU A 117 -18.61 -13.24 -27.84
CA GLU A 117 -19.56 -14.35 -27.74
C GLU A 117 -18.78 -15.60 -27.33
N PRO A 118 -19.38 -16.47 -26.49
CA PRO A 118 -20.71 -16.49 -25.84
C PRO A 118 -20.86 -15.36 -24.84
N VAL A 119 -19.72 -14.88 -24.34
CA VAL A 119 -19.71 -13.80 -23.36
C VAL A 119 -18.43 -13.00 -23.57
N PRO A 120 -18.45 -11.69 -23.25
CA PRO A 120 -17.25 -10.87 -23.42
C PRO A 120 -16.17 -11.26 -22.40
N MET A 121 -14.97 -11.53 -22.88
CA MET A 121 -13.88 -11.90 -21.99
C MET A 121 -12.54 -11.76 -22.70
N ALA A 122 -11.49 -11.55 -21.93
CA ALA A 122 -10.16 -11.39 -22.50
C ALA A 122 -9.23 -12.57 -22.16
N PHE A 123 -8.28 -12.83 -23.06
CA PHE A 123 -7.31 -13.90 -22.90
C PHE A 123 -5.93 -13.27 -22.83
N LEU A 124 -5.28 -13.39 -21.68
CA LEU A 124 -3.96 -12.81 -21.49
C LEU A 124 -2.88 -13.90 -21.55
N SER A 125 -1.65 -13.50 -21.79
CA SER A 125 -0.56 -14.44 -21.88
C SER A 125 -0.05 -14.77 -20.48
N ILE A 126 0.56 -15.94 -20.34
CA ILE A 126 1.10 -16.36 -19.06
C ILE A 126 2.61 -16.43 -19.17
N PRO A 127 3.33 -15.69 -18.32
CA PRO A 127 4.80 -15.72 -18.36
C PRO A 127 5.32 -17.01 -17.72
N ASN A 128 6.58 -17.34 -17.96
CA ASN A 128 7.13 -18.56 -17.39
C ASN A 128 7.09 -18.51 -15.87
N THR A 129 7.44 -17.35 -15.31
CA THR A 129 7.45 -17.17 -13.86
C THR A 129 6.79 -15.87 -13.44
N MET A 130 6.53 -15.77 -12.13
CA MET A 130 5.93 -14.59 -11.56
C MET A 130 6.65 -14.33 -10.24
N GLN A 131 6.65 -13.06 -9.81
CA GLN A 131 7.30 -12.70 -8.57
C GLN A 131 6.26 -12.57 -7.45
N VAL A 132 6.51 -13.28 -6.35
CA VAL A 132 5.60 -13.28 -5.20
C VAL A 132 6.18 -12.50 -4.03
N SER A 133 5.44 -11.50 -3.56
CA SER A 133 5.87 -10.68 -2.46
C SER A 133 4.96 -10.93 -1.24
N GLN A 134 5.55 -11.43 -0.16
CA GLN A 134 4.81 -11.68 1.07
C GLN A 134 4.51 -10.35 1.76
N LEU A 135 3.27 -10.14 2.16
CA LEU A 135 2.90 -8.91 2.82
C LEU A 135 3.13 -9.07 4.32
N ARG A 136 3.31 -7.96 5.02
CA ARG A 136 3.54 -7.99 6.46
C ARG A 136 2.21 -8.06 7.20
N LYS A 137 2.24 -8.63 8.41
CA LYS A 137 1.02 -8.74 9.19
C LYS A 137 0.53 -7.33 9.53
N GLU A 138 1.47 -6.48 9.92
CA GLU A 138 1.19 -5.09 10.28
C GLU A 138 1.92 -4.18 9.28
N PRO A 139 1.23 -3.77 8.21
CA PRO A 139 1.81 -2.90 7.17
C PRO A 139 2.29 -1.55 7.71
N ARG A 140 3.44 -1.09 7.23
CA ARG A 140 4.00 0.19 7.65
C ARG A 140 3.80 1.24 6.56
N PHE A 141 3.40 2.43 6.99
CA PHE A 141 3.13 3.52 6.06
C PHE A 141 4.16 4.62 6.22
N GLU A 142 4.66 5.11 5.10
CA GLU A 142 5.65 6.17 5.13
C GLU A 142 4.90 7.49 5.05
N LEU A 143 5.26 8.43 5.92
CA LEU A 143 4.61 9.73 5.91
C LEU A 143 5.52 10.81 6.44
N ASN A 144 4.97 12.00 6.62
CA ASN A 144 5.71 13.15 7.13
C ASN A 144 4.67 14.14 7.62
N LEU A 145 4.05 13.79 8.75
CA LEU A 145 3.01 14.59 9.36
C LEU A 145 3.51 15.29 10.60
N ALA A 146 3.49 16.61 10.57
CA ALA A 146 3.92 17.43 11.70
C ALA A 146 2.96 17.27 12.89
N GLY A 147 3.47 17.48 14.09
CA GLY A 147 2.64 17.37 15.26
C GLY A 147 3.40 17.80 16.51
N LYS A 148 2.89 17.37 17.65
CA LYS A 148 3.49 17.70 18.93
C LYS A 148 3.75 16.43 19.71
N VAL A 149 4.80 16.44 20.54
CA VAL A 149 5.08 15.29 21.38
C VAL A 149 4.74 15.78 22.78
N LEU A 150 3.81 15.09 23.44
CA LEU A 150 3.44 15.47 24.79
C LEU A 150 4.10 14.51 25.76
N PHE A 151 4.90 15.07 26.66
CA PHE A 151 5.57 14.25 27.66
C PHE A 151 5.68 15.05 28.95
N ASP A 152 5.18 14.46 30.02
CA ASP A 152 5.26 15.11 31.33
C ASP A 152 4.75 16.55 31.27
N GLU A 153 3.56 16.73 30.71
CA GLU A 153 2.92 18.05 30.61
C GLU A 153 3.55 19.07 29.66
N HIS A 154 4.69 18.74 29.07
CA HIS A 154 5.37 19.64 28.14
C HIS A 154 5.18 19.14 26.71
N ARG A 155 5.04 20.07 25.78
CA ARG A 155 4.86 19.74 24.37
C ARG A 155 6.03 20.22 23.52
N GLY A 156 6.46 19.39 22.58
CA GLY A 156 7.56 19.75 21.70
C GLY A 156 7.16 19.39 20.29
N ASP A 157 7.91 19.87 19.31
CA ASP A 157 7.59 19.55 17.92
C ASP A 157 8.11 18.19 17.49
N CYS A 158 7.44 17.59 16.51
CA CYS A 158 7.85 16.30 15.99
C CYS A 158 7.27 16.12 14.61
N GLU A 159 7.71 15.08 13.92
CA GLU A 159 7.21 14.74 12.60
C GLU A 159 7.03 13.23 12.56
N LEU A 160 5.83 12.79 12.22
CA LEU A 160 5.55 11.35 12.13
C LEU A 160 6.12 10.92 10.79
N ARG A 161 6.98 9.91 10.82
CA ARG A 161 7.65 9.43 9.61
C ARG A 161 7.26 8.01 9.19
N ASP A 162 6.79 7.22 10.14
CA ASP A 162 6.44 5.84 9.88
C ASP A 162 5.29 5.45 10.83
N LEU A 163 4.31 4.72 10.32
CA LEU A 163 3.18 4.33 11.16
C LEU A 163 2.54 2.99 10.80
N SER A 164 2.25 2.21 11.83
CA SER A 164 1.58 0.92 11.67
C SER A 164 0.58 0.86 12.82
N ARG A 165 -0.36 -0.06 12.77
CA ARG A 165 -1.35 -0.17 13.83
C ARG A 165 -0.74 -0.43 15.23
N SER A 166 0.50 -0.90 15.27
CA SER A 166 1.18 -1.21 16.53
C SER A 166 2.29 -0.26 17.02
N GLY A 167 2.88 0.51 16.12
CA GLY A 167 3.93 1.43 16.52
C GLY A 167 4.32 2.40 15.43
N CYS A 168 5.26 3.28 15.73
CA CYS A 168 5.68 4.26 14.73
C CYS A 168 7.08 4.79 14.95
N ARG A 169 7.50 5.61 14.01
CA ARG A 169 8.81 6.25 14.06
C ARG A 169 8.58 7.74 13.86
N PHE A 170 9.22 8.57 14.68
CA PHE A 170 9.08 10.01 14.54
C PHE A 170 10.41 10.71 14.81
N ILE A 171 10.55 11.92 14.28
CA ILE A 171 11.76 12.70 14.50
C ILE A 171 11.40 14.02 15.17
N THR A 172 12.37 14.59 15.87
CA THR A 172 12.19 15.85 16.57
C THR A 172 13.44 16.69 16.35
N PRO A 173 13.38 17.99 16.70
CA PRO A 173 14.55 18.86 16.53
C PRO A 173 15.68 18.31 17.38
N PRO A 174 16.83 18.03 16.76
CA PRO A 174 17.95 17.50 17.56
C PRO A 174 18.36 18.35 18.77
N LEU A 175 17.91 19.61 18.81
CA LEU A 175 18.26 20.49 19.94
C LEU A 175 17.06 20.84 20.82
N GLY A 176 15.98 20.10 20.65
CA GLY A 176 14.80 20.34 21.47
C GLY A 176 14.86 19.42 22.67
N LYS A 177 13.74 19.23 23.36
CA LYS A 177 13.71 18.35 24.52
C LYS A 177 14.05 16.93 24.10
N THR A 178 14.79 16.20 24.93
CA THR A 178 15.15 14.82 24.60
C THR A 178 14.35 13.82 25.44
N TYR A 179 14.05 12.68 24.83
CA TYR A 179 13.27 11.64 25.49
C TYR A 179 14.16 10.42 25.66
N GLN A 180 13.86 9.61 26.67
CA GLN A 180 14.63 8.41 26.94
C GLN A 180 13.79 7.18 26.67
N VAL A 181 14.45 6.05 26.39
CA VAL A 181 13.74 4.81 26.15
C VAL A 181 12.90 4.47 27.38
N GLY A 182 11.64 4.11 27.15
CA GLY A 182 10.75 3.78 28.25
C GLY A 182 9.80 4.91 28.62
N ASP A 183 10.05 6.10 28.07
CA ASP A 183 9.20 7.25 28.35
C ASP A 183 7.84 7.08 27.69
N LEU A 184 6.78 7.43 28.43
CA LEU A 184 5.42 7.34 27.94
C LEU A 184 5.08 8.69 27.32
N VAL A 185 5.12 8.76 26.01
CA VAL A 185 4.81 10.00 25.32
C VAL A 185 3.51 9.88 24.56
N ALA A 186 3.07 10.99 23.98
CA ALA A 186 1.84 11.01 23.21
C ALA A 186 2.05 11.90 22.01
N LEU A 187 1.83 11.36 20.81
CA LEU A 187 1.99 12.16 19.60
C LEU A 187 0.66 12.79 19.19
N GLU A 188 0.62 14.11 19.17
CA GLU A 188 -0.57 14.85 18.76
C GLU A 188 -0.32 15.33 17.33
N ILE A 189 -0.72 14.51 16.36
CA ILE A 189 -0.52 14.83 14.96
C ILE A 189 -1.55 15.81 14.40
N PHE A 190 -1.10 16.87 13.78
CA PHE A 190 -2.03 17.85 13.21
C PHE A 190 -2.84 17.18 12.11
N SER A 191 -4.15 17.39 12.15
CA SER A 191 -5.06 16.80 11.18
C SER A 191 -5.48 17.80 10.12
N ASP A 192 -5.03 19.04 10.25
CA ASP A 192 -5.41 20.06 9.30
C ASP A 192 -4.25 20.68 8.53
N LEU A 193 -4.62 21.29 7.41
CA LEU A 193 -3.72 21.98 6.50
C LEU A 193 -2.70 22.92 7.16
N ARG A 194 -3.11 23.63 8.20
CA ARG A 194 -2.20 24.56 8.87
C ARG A 194 -1.79 24.24 10.32
N GLY A 195 -2.06 23.01 10.76
CA GLY A 195 -1.67 22.60 12.10
C GLY A 195 -2.15 23.42 13.29
N THR A 196 -3.37 23.13 13.74
CA THR A 196 -3.99 23.80 14.88
C THR A 196 -4.90 22.79 15.57
N LYS A 197 -5.42 21.86 14.78
CA LYS A 197 -6.30 20.79 15.22
C LYS A 197 -5.48 19.51 15.14
N THR A 198 -5.65 18.60 16.09
CA THR A 198 -4.89 17.36 16.09
C THR A 198 -5.77 16.12 16.22
N PHE A 199 -5.29 15.00 15.69
CA PHE A 199 -6.01 13.74 15.76
C PHE A 199 -5.92 13.22 17.20
N PRO A 200 -6.75 12.23 17.56
CA PRO A 200 -6.65 11.69 18.92
C PRO A 200 -5.17 11.25 19.07
N PRO A 201 -4.55 11.52 20.23
CA PRO A 201 -3.15 11.18 20.51
C PRO A 201 -2.69 9.73 20.39
N LEU A 202 -1.52 9.56 19.79
CA LEU A 202 -0.90 8.25 19.61
C LEU A 202 0.00 8.03 20.83
N THR A 203 -0.51 7.29 21.80
CA THR A 203 0.21 7.03 23.04
C THR A 203 1.01 5.72 23.04
N GLY A 204 2.10 5.72 23.80
CA GLY A 204 2.93 4.54 23.90
C GLY A 204 4.26 4.85 24.56
N LYS A 205 5.17 3.88 24.54
CA LYS A 205 6.48 4.05 25.15
C LYS A 205 7.58 4.08 24.11
N ILE A 206 8.57 4.92 24.32
CA ILE A 206 9.70 4.99 23.42
C ILE A 206 10.43 3.67 23.60
N CYS A 207 10.60 2.92 22.53
CA CYS A 207 11.29 1.64 22.64
C CYS A 207 12.73 1.71 22.15
N ASN A 208 13.05 2.73 21.37
CA ASN A 208 14.42 2.93 20.88
C ASN A 208 14.56 4.35 20.38
N LEU A 209 15.81 4.79 20.21
CA LEU A 209 16.10 6.15 19.76
C LEU A 209 17.50 6.25 19.19
N GLN A 210 17.75 7.31 18.42
CA GLN A 210 19.06 7.52 17.85
C GLN A 210 19.31 9.01 17.67
N ARG A 211 20.39 9.50 18.27
CA ARG A 211 20.74 10.90 18.19
C ARG A 211 21.89 11.10 17.23
N SER A 212 21.73 12.03 16.30
CA SER A 212 22.78 12.33 15.36
C SER A 212 22.92 13.84 15.41
N LEU A 213 23.78 14.37 14.56
CA LEU A 213 24.06 15.78 14.49
C LEU A 213 22.82 16.56 14.02
N HIS A 214 22.10 16.00 13.06
CA HIS A 214 20.93 16.66 12.52
C HIS A 214 19.61 16.04 12.90
N HIS A 215 19.63 14.84 13.44
CA HIS A 215 18.39 14.17 13.81
C HIS A 215 18.29 13.58 15.21
N ALA A 216 17.05 13.53 15.68
CA ALA A 216 16.69 12.94 16.95
C ALA A 216 15.61 11.96 16.45
N ARG A 217 15.95 10.68 16.39
CA ARG A 217 15.04 9.65 15.90
C ARG A 217 14.50 8.79 17.03
N TYR A 218 13.20 8.48 16.99
CA TYR A 218 12.54 7.70 18.03
C TYR A 218 11.59 6.64 17.49
N GLY A 219 11.54 5.52 18.20
CA GLY A 219 10.63 4.44 17.85
C GLY A 219 9.63 4.36 18.98
N LEU A 220 8.34 4.35 18.68
CA LEU A 220 7.31 4.30 19.71
C LEU A 220 6.48 3.02 19.60
N GLU A 221 6.17 2.43 20.75
CA GLU A 221 5.35 1.22 20.81
C GLU A 221 4.04 1.65 21.46
N PHE A 222 2.95 1.62 20.70
CA PHE A 222 1.65 2.03 21.21
C PHE A 222 1.08 1.14 22.31
N ASN A 223 0.31 1.74 23.21
CA ASN A 223 -0.35 0.98 24.26
C ASN A 223 -1.74 0.79 23.67
N GLU A 224 -2.65 0.15 24.40
CA GLU A 224 -3.99 -0.08 23.89
C GLU A 224 -4.60 1.18 23.30
N GLU A 225 -4.61 2.25 24.09
CA GLU A 225 -5.17 3.52 23.66
C GLU A 225 -4.51 4.00 22.37
N GLY A 226 -3.18 3.97 22.34
CA GLY A 226 -2.44 4.40 21.18
C GLY A 226 -2.81 3.64 19.93
N ARG A 227 -2.98 2.32 20.05
CA ARG A 227 -3.33 1.50 18.90
C ARG A 227 -4.70 1.85 18.32
N ASN A 228 -5.63 2.24 19.18
CA ASN A 228 -6.94 2.60 18.70
C ASN A 228 -6.90 3.92 17.96
N ASN A 229 -6.20 4.88 18.52
CA ASN A 229 -6.11 6.17 17.88
C ASN A 229 -5.31 6.08 16.58
N ALA A 230 -4.37 5.14 16.52
CA ALA A 230 -3.56 4.94 15.32
C ALA A 230 -4.43 4.37 14.20
N LYS A 231 -5.28 3.41 14.57
CA LYS A 231 -6.19 2.78 13.64
C LYS A 231 -7.11 3.88 13.09
N ASN A 232 -7.54 4.80 13.95
CA ASN A 232 -8.42 5.89 13.57
C ASN A 232 -7.74 6.91 12.67
N LEU A 233 -6.46 7.14 12.91
CA LEU A 233 -5.70 8.10 12.13
C LEU A 233 -5.43 7.57 10.74
N LEU A 234 -5.09 6.30 10.64
CA LEU A 234 -4.82 5.71 9.33
C LEU A 234 -6.08 5.82 8.46
N ALA A 235 -7.24 5.74 9.10
CA ALA A 235 -8.52 5.82 8.42
C ALA A 235 -8.87 7.23 7.91
N GLN A 236 -8.41 8.26 8.61
CA GLN A 236 -8.69 9.65 8.22
C GLN A 236 -7.75 10.11 7.12
N LEU A 237 -6.69 9.37 6.88
CA LEU A 237 -5.72 9.76 5.87
C LEU A 237 -6.16 9.35 4.47
N LYS A 238 -5.67 10.10 3.49
CA LYS A 238 -5.97 9.87 2.09
C LYS A 238 -4.70 9.42 1.36
N PHE A 239 -4.84 8.44 0.48
CA PHE A 239 -3.70 7.93 -0.29
C PHE A 239 -3.60 8.71 -1.60
N ASN A 240 -2.45 9.32 -1.86
CA ASN A 240 -2.27 10.10 -3.09
C ASN A 240 -1.71 9.29 -4.26
N GLY A 241 -1.66 7.97 -4.10
CA GLY A 241 -1.13 7.12 -5.15
C GLY A 241 0.30 6.71 -4.85
N THR A 242 0.94 7.45 -3.95
CA THR A 242 2.32 7.16 -3.57
C THR A 242 2.40 6.93 -2.06
N LYS A 243 1.63 7.70 -1.30
CA LYS A 243 1.63 7.60 0.15
C LYS A 243 0.39 8.22 0.75
N LEU A 244 0.20 7.98 2.06
CA LEU A 244 -0.93 8.53 2.81
C LEU A 244 -0.62 9.97 3.22
N THR A 245 -1.62 10.83 3.10
CA THR A 245 -1.44 12.23 3.45
C THR A 245 -2.72 12.79 4.05
N LEU A 246 -2.67 14.03 4.53
CA LEU A 246 -3.85 14.66 5.10
C LEU A 246 -4.93 14.78 4.04
N ASN A 247 -6.13 14.34 4.38
CA ASN A 247 -7.24 14.43 3.44
C ASN A 247 -7.80 15.84 3.48
N ALA A 248 -7.17 16.75 2.73
CA ALA A 248 -7.61 18.13 2.69
C ALA A 248 -6.95 18.85 1.53
#